data_3UW2
#
_entry.id   3UW2
#
_cell.length_a   67.376
_cell.length_b   75.233
_cell.length_c   104.423
_cell.angle_alpha   90.000
_cell.angle_beta   90.000
_cell.angle_gamma   90.000
#
_symmetry.space_group_name_H-M   'P 21 21 21'
#
loop_
_entity.id
_entity.type
_entity.pdbx_description
1 polymer 'Phosphoglucomutase/phosphomannomutase family protein'
2 non-polymer 'PHOSPHATE ION'
3 non-polymer 1,2-ETHANEDIOL
4 non-polymer GLYCEROL
5 non-polymer 'ZINC ION'
6 water water
#
_entity_poly.entity_id   1
_entity_poly.type   'polypeptide(L)'
_entity_poly.pdbx_seq_one_letter_code
;MAHHHHHHMGTLEAQTQGPGSMISQSIFKAYDIRGVIGKTLDADVARSIGRAFGSEVRAQGGDAVVVARDGRLSGPELVG
ALADGLRAAGVDVVDVGMVPTPVGYFAASVPLALSGGERRVDSCIVVTGSHNPPDYNGFKMVLRGAAIYGDQIQGLYKRI
VDARFETGSGSYEQYDVADQYVERIVGDIKLTRPLKLVVDAGNGVAGPLATRLFKALGCELVELFTDIDGNFPNHHPDPA
HPENLQDVIAKLKATDAEIGFAFDGDGDRLGVVTKDGQIIYPDRQLMLFAEEVLSRNPGAQIIYDVKCTRNLARWVREKG
GEPLMWKTGHSLVKAKLRETGAPLAGEMSGHVFFKDRWYGFDDGLYTGARLLEILARVADPSALLNGLPNAVSTPELQLK
LEEGENVKLIDKLRADAKFDGADEVVTIDGLRVEYPDGFGLARSSNTTPVVVLRFEATSDAALARIQDDFRRALKAAKPG
ANLPF
;
_entity_poly.pdbx_strand_id   A
#
loop_
_chem_comp.id
_chem_comp.type
_chem_comp.name
_chem_comp.formula
EDO non-polymer 1,2-ETHANEDIOL 'C2 H6 O2'
GOL non-polymer GLYCEROL 'C3 H8 O3'
PO4 non-polymer 'PHOSPHATE ION' 'O4 P -3'
ZN non-polymer 'ZINC ION' 'Zn 2'
#
# COMPACT_ATOMS: atom_id res chain seq x y z
N MET A 22 -23.07 18.52 -9.30
CA MET A 22 -22.14 18.11 -10.40
C MET A 22 -20.80 17.62 -9.85
N ILE A 23 -20.24 16.59 -10.49
CA ILE A 23 -19.06 15.91 -9.97
C ILE A 23 -17.82 16.79 -10.09
N SER A 24 -16.92 16.64 -9.15
CA SER A 24 -15.73 17.42 -9.13
C SER A 24 -14.57 16.57 -9.68
N GLN A 25 -13.84 17.11 -10.66
CA GLN A 25 -12.66 16.44 -11.22
C GLN A 25 -11.56 16.18 -10.16
N SER A 26 -11.47 17.06 -9.16
CA SER A 26 -10.44 16.96 -8.11
C SER A 26 -10.45 15.63 -7.30
N ILE A 27 -11.55 14.85 -7.32
CA ILE A 27 -11.55 13.60 -6.55
C ILE A 27 -10.89 12.47 -7.33
N PHE A 28 -10.66 12.71 -8.64
CA PHE A 28 -10.07 11.68 -9.49
C PHE A 28 -8.60 11.83 -9.41
N LYS A 29 -7.94 11.05 -8.53
CA LYS A 29 -6.48 11.22 -8.27
C LYS A 29 -5.67 10.28 -9.15
N ALA A 30 -4.36 10.26 -8.95
CA ALA A 30 -3.48 9.44 -9.79
C ALA A 30 -3.81 7.95 -9.69
N TYR A 31 -4.10 7.48 -8.47
CA TYR A 31 -4.14 6.03 -8.23
C TYR A 31 -5.47 5.53 -7.72
N ASP A 32 -6.37 6.45 -7.48
CA ASP A 32 -7.66 6.14 -6.93
C ASP A 32 -8.56 7.31 -7.01
N ILE A 33 -9.71 7.21 -6.35
CA ILE A 33 -10.66 8.31 -6.25
C ILE A 33 -10.83 8.53 -4.75
N ARG A 34 -10.75 9.79 -4.31
CA ARG A 34 -10.83 10.15 -2.89
C ARG A 34 -11.57 11.48 -2.76
N GLY A 35 -12.43 11.62 -1.74
CA GLY A 35 -13.26 12.78 -1.55
C GLY A 35 -13.73 12.86 -0.11
N VAL A 36 -14.44 13.93 0.22
CA VAL A 36 -14.86 14.19 1.61
C VAL A 36 -16.40 14.21 1.59
N ILE A 37 -17.01 13.34 2.39
CA ILE A 37 -18.46 13.24 2.52
C ILE A 37 -19.08 14.61 2.75
N GLY A 38 -20.18 14.88 2.05
CA GLY A 38 -20.91 16.12 2.26
C GLY A 38 -20.23 17.28 1.55
N LYS A 39 -19.07 17.04 0.93
CA LYS A 39 -18.42 18.11 0.16
C LYS A 39 -18.10 17.72 -1.26
N THR A 40 -17.34 16.65 -1.46
CA THR A 40 -17.11 16.20 -2.84
C THR A 40 -17.63 14.78 -3.07
N LEU A 41 -18.15 14.15 -2.04
CA LEU A 41 -18.53 12.75 -2.19
C LEU A 41 -19.90 12.53 -1.55
N ASP A 42 -20.80 11.80 -2.22
CA ASP A 42 -22.12 11.48 -1.64
C ASP A 42 -22.63 10.27 -2.43
N ALA A 43 -23.86 9.83 -2.14
CA ALA A 43 -24.43 8.67 -2.88
C ALA A 43 -24.48 8.91 -4.40
N ASP A 44 -24.85 10.13 -4.85
CA ASP A 44 -24.98 10.40 -6.29
C ASP A 44 -23.64 10.22 -6.97
N VAL A 45 -22.59 10.74 -6.31
CA VAL A 45 -21.24 10.57 -6.78
C VAL A 45 -20.83 9.09 -6.89
N ALA A 46 -21.09 8.31 -5.84
CA ALA A 46 -20.77 6.85 -5.86
C ALA A 46 -21.47 6.17 -7.01
N ARG A 47 -22.77 6.47 -7.18
CA ARG A 47 -23.54 5.86 -8.26
C ARG A 47 -22.94 6.23 -9.64
N SER A 48 -22.56 7.50 -9.90
CA SER A 48 -22.00 7.85 -11.22
CA SER A 48 -22.01 7.86 -11.23
C SER A 48 -20.67 7.15 -11.44
N ILE A 49 -19.93 6.95 -10.35
CA ILE A 49 -18.63 6.30 -10.47
C ILE A 49 -18.89 4.80 -10.76
N GLY A 50 -19.89 4.26 -10.13
CA GLY A 50 -20.20 2.83 -10.40
C GLY A 50 -20.67 2.61 -11.85
N ARG A 51 -21.53 3.52 -12.32
CA ARG A 51 -22.00 3.49 -13.70
C ARG A 51 -20.82 3.64 -14.69
N ALA A 52 -19.89 4.58 -14.45
CA ALA A 52 -18.74 4.79 -15.32
C ALA A 52 -17.83 3.54 -15.35
N PHE A 53 -17.49 3.01 -14.19
CA PHE A 53 -16.62 1.84 -14.09
C PHE A 53 -17.33 0.62 -14.71
N GLY A 54 -18.61 0.40 -14.40
CA GLY A 54 -19.33 -0.75 -14.99
C GLY A 54 -19.38 -0.69 -16.52
N SER A 55 -19.41 0.54 -17.05
CA SER A 55 -19.41 0.78 -18.48
C SER A 55 -18.06 0.36 -19.07
N GLU A 56 -16.96 0.71 -18.41
CA GLU A 56 -15.65 0.31 -18.90
C GLU A 56 -15.47 -1.24 -18.83
N VAL A 57 -15.95 -1.86 -17.74
CA VAL A 57 -15.95 -3.32 -17.65
C VAL A 57 -16.66 -3.93 -18.87
N ARG A 58 -17.86 -3.44 -19.22
CA ARG A 58 -18.58 -4.03 -20.39
C ARG A 58 -17.85 -3.73 -21.70
N ALA A 59 -17.17 -2.60 -21.81
CA ALA A 59 -16.49 -2.26 -23.07
C ALA A 59 -15.27 -3.18 -23.24
N GLN A 60 -14.76 -3.73 -22.14
CA GLN A 60 -13.71 -4.76 -22.20
C GLN A 60 -14.27 -6.17 -22.13
N GLY A 61 -15.57 -6.29 -22.26
CA GLY A 61 -16.18 -7.59 -22.38
C GLY A 61 -16.40 -8.30 -21.05
N GLY A 62 -16.22 -7.56 -19.96
CA GLY A 62 -16.49 -8.14 -18.60
C GLY A 62 -17.97 -8.01 -18.27
N ASP A 63 -18.47 -8.82 -17.32
CA ASP A 63 -19.84 -8.64 -16.88
C ASP A 63 -20.09 -8.64 -15.36
N ALA A 64 -19.05 -8.50 -14.54
CA ALA A 64 -19.21 -8.61 -13.11
C ALA A 64 -18.12 -7.84 -12.38
N VAL A 65 -18.43 -7.37 -11.18
CA VAL A 65 -17.50 -6.64 -10.37
C VAL A 65 -17.78 -7.02 -8.90
N VAL A 66 -16.71 -7.32 -8.16
CA VAL A 66 -16.79 -7.48 -6.72
C VAL A 66 -16.79 -6.09 -6.06
N VAL A 67 -17.61 -5.88 -5.03
CA VAL A 67 -17.49 -4.62 -4.27
C VAL A 67 -17.26 -4.92 -2.78
N ALA A 68 -16.56 -4.02 -2.05
CA ALA A 68 -16.28 -4.23 -0.65
C ALA A 68 -16.14 -2.83 -0.05
N ARG A 69 -16.13 -2.77 1.28
CA ARG A 69 -15.97 -1.50 1.96
C ARG A 69 -15.12 -1.66 3.20
N ASP A 70 -14.52 -0.54 3.69
CA ASP A 70 -13.88 -0.60 4.99
C ASP A 70 -14.92 -0.24 6.07
N GLY A 71 -14.49 0.16 7.28
CA GLY A 71 -15.46 0.36 8.34
C GLY A 71 -15.88 1.81 8.66
N ARG A 72 -15.88 2.62 7.60
CA ARG A 72 -16.22 4.01 7.72
C ARG A 72 -17.73 4.22 7.80
N LEU A 73 -18.15 5.31 8.45
CA LEU A 73 -19.62 5.58 8.66
C LEU A 73 -20.38 5.73 7.38
N SER A 74 -19.75 6.40 6.40
CA SER A 74 -20.32 6.55 5.03
C SER A 74 -20.24 5.29 4.16
N GLY A 75 -19.47 4.29 4.60
CA GLY A 75 -19.31 3.03 3.85
C GLY A 75 -20.57 2.33 3.36
N PRO A 76 -21.50 2.07 4.28
CA PRO A 76 -22.66 1.23 3.79
C PRO A 76 -23.45 2.01 2.71
N GLU A 77 -23.60 3.33 2.89
CA GLU A 77 -24.45 4.09 1.91
C GLU A 77 -23.71 4.14 0.54
N LEU A 78 -22.43 4.50 0.58
CA LEU A 78 -21.67 4.64 -0.70
C LEU A 78 -21.52 3.32 -1.45
N VAL A 79 -21.24 2.20 -0.73
CA VAL A 79 -21.10 0.91 -1.45
C VAL A 79 -22.45 0.50 -2.02
N GLY A 80 -23.54 0.78 -1.33
CA GLY A 80 -24.88 0.52 -1.96
C GLY A 80 -25.11 1.39 -3.24
N ALA A 81 -24.74 2.67 -3.24
CA ALA A 81 -24.95 3.55 -4.38
C ALA A 81 -24.06 3.09 -5.53
N LEU A 82 -22.88 2.63 -5.16
CA LEU A 82 -21.88 2.20 -6.15
C LEU A 82 -22.44 0.99 -6.84
N ALA A 83 -22.96 0.05 -6.06
CA ALA A 83 -23.54 -1.19 -6.61
C ALA A 83 -24.73 -0.89 -7.54
N ASP A 84 -25.59 0.05 -7.14
CA ASP A 84 -26.72 0.49 -8.00
C ASP A 84 -26.21 0.95 -9.40
N GLY A 85 -25.13 1.72 -9.40
CA GLY A 85 -24.55 2.31 -10.61
C GLY A 85 -23.94 1.24 -11.51
N LEU A 86 -23.30 0.23 -10.89
CA LEU A 86 -22.66 -0.84 -11.65
C LEU A 86 -23.77 -1.62 -12.30
N ARG A 87 -24.79 -1.92 -11.50
CA ARG A 87 -25.93 -2.74 -12.05
C ARG A 87 -26.72 -2.01 -13.19
N ALA A 88 -26.92 -0.69 -13.06
CA ALA A 88 -27.51 0.20 -14.13
C ALA A 88 -26.70 0.19 -15.42
N ALA A 89 -25.37 -0.02 -15.34
CA ALA A 89 -24.51 -0.28 -16.53
C ALA A 89 -24.63 -1.70 -17.10
N GLY A 90 -25.34 -2.58 -16.43
CA GLY A 90 -25.55 -3.96 -16.93
C GLY A 90 -24.52 -4.95 -16.37
N VAL A 91 -23.83 -4.60 -15.27
CA VAL A 91 -22.78 -5.42 -14.66
C VAL A 91 -23.32 -6.13 -13.40
N ASP A 92 -23.14 -7.45 -13.25
CA ASP A 92 -23.49 -8.11 -12.01
C ASP A 92 -22.58 -7.71 -10.84
N VAL A 93 -23.13 -7.61 -9.63
CA VAL A 93 -22.33 -7.18 -8.47
C VAL A 93 -22.27 -8.34 -7.49
N VAL A 94 -21.06 -8.64 -7.02
CA VAL A 94 -20.81 -9.54 -5.90
C VAL A 94 -20.29 -8.72 -4.73
N ASP A 95 -21.11 -8.64 -3.69
CA ASP A 95 -20.82 -7.80 -2.56
C ASP A 95 -20.17 -8.64 -1.44
N VAL A 96 -18.88 -8.43 -1.17
CA VAL A 96 -18.23 -9.24 -0.15
C VAL A 96 -18.28 -8.56 1.23
N GLY A 97 -18.98 -7.42 1.32
CA GLY A 97 -19.35 -6.80 2.60
C GLY A 97 -18.15 -5.99 3.10
N MET A 98 -17.99 -5.87 4.43
CA MET A 98 -16.95 -5.00 5.05
C MET A 98 -15.72 -5.86 5.37
N VAL A 99 -14.69 -5.67 4.58
CA VAL A 99 -13.47 -6.49 4.71
C VAL A 99 -12.26 -5.59 4.38
N PRO A 100 -11.05 -5.97 4.87
CA PRO A 100 -9.84 -5.23 4.45
C PRO A 100 -9.73 -5.21 2.93
N THR A 101 -9.18 -4.14 2.39
CA THR A 101 -8.93 -3.98 0.96
C THR A 101 -8.30 -5.20 0.24
N PRO A 102 -7.23 -5.82 0.80
CA PRO A 102 -6.66 -6.93 0.07
C PRO A 102 -7.62 -8.11 0.07
N VAL A 103 -8.61 -8.13 0.96
CA VAL A 103 -9.62 -9.23 0.89
C VAL A 103 -10.54 -9.06 -0.36
N GLY A 104 -10.90 -7.82 -0.69
CA GLY A 104 -11.59 -7.51 -1.95
C GLY A 104 -10.68 -7.92 -3.15
N TYR A 105 -9.37 -7.64 -3.08
CA TYR A 105 -8.43 -8.08 -4.14
C TYR A 105 -8.45 -9.60 -4.23
N PHE A 106 -8.50 -10.25 -3.06
CA PHE A 106 -8.43 -11.70 -3.03
C PHE A 106 -9.72 -12.24 -3.71
N ALA A 107 -10.88 -11.63 -3.40
CA ALA A 107 -12.15 -12.07 -4.05
C ALA A 107 -12.07 -11.90 -5.60
N ALA A 108 -11.28 -10.94 -6.09
CA ALA A 108 -11.15 -10.69 -7.51
C ALA A 108 -10.00 -11.60 -8.08
N SER A 109 -9.49 -12.51 -7.26
CA SER A 109 -8.36 -13.36 -7.68
C SER A 109 -8.69 -14.84 -7.76
N VAL A 110 -9.76 -15.24 -7.10
CA VAL A 110 -10.04 -16.69 -6.98
C VAL A 110 -11.48 -17.04 -7.33
N PRO A 111 -11.72 -18.30 -7.67
CA PRO A 111 -13.10 -18.76 -7.97
C PRO A 111 -13.97 -18.54 -6.72
N LEU A 112 -15.22 -18.12 -6.91
CA LEU A 112 -16.08 -17.78 -5.79
C LEU A 112 -17.17 -18.78 -5.81
N ALA A 113 -17.44 -19.38 -4.65
CA ALA A 113 -18.46 -20.45 -4.57
C ALA A 113 -19.83 -19.83 -4.36
N LEU A 114 -20.29 -19.04 -5.34
CA LEU A 114 -21.61 -18.40 -5.31
C LEU A 114 -22.79 -19.39 -5.37
N SER A 115 -23.99 -18.97 -4.93
CA SER A 115 -25.09 -19.90 -4.74
C SER A 115 -25.61 -20.41 -6.08
N GLY A 116 -25.43 -19.61 -7.13
CA GLY A 116 -25.72 -20.08 -8.48
C GLY A 116 -24.58 -20.84 -9.17
N GLY A 117 -23.55 -21.23 -8.41
CA GLY A 117 -22.39 -21.91 -8.97
C GLY A 117 -21.11 -21.10 -8.96
N GLU A 118 -19.98 -21.80 -9.07
CA GLU A 118 -18.69 -21.13 -9.06
C GLU A 118 -18.66 -19.95 -10.06
N ARG A 119 -17.97 -18.86 -9.75
CA ARG A 119 -17.82 -17.84 -10.76
C ARG A 119 -16.53 -17.09 -10.48
N ARG A 120 -15.85 -16.75 -11.54
CA ARG A 120 -14.61 -16.03 -11.43
C ARG A 120 -14.90 -14.55 -11.78
N VAL A 121 -14.54 -13.61 -10.90
CA VAL A 121 -14.85 -12.20 -11.16
C VAL A 121 -13.60 -11.37 -10.99
N ASP A 122 -13.04 -10.81 -12.05
CA ASP A 122 -11.71 -10.29 -11.93
C ASP A 122 -11.62 -8.77 -11.89
N SER A 123 -12.75 -8.11 -11.64
CA SER A 123 -12.65 -6.63 -11.35
C SER A 123 -13.20 -6.37 -9.94
N CYS A 124 -12.74 -5.34 -9.22
CA CYS A 124 -13.35 -5.04 -7.91
C CYS A 124 -13.21 -3.61 -7.61
N ILE A 125 -14.06 -3.12 -6.74
CA ILE A 125 -13.90 -1.76 -6.26
C ILE A 125 -14.05 -1.83 -4.74
N VAL A 126 -13.11 -1.27 -4.01
CA VAL A 126 -13.20 -1.27 -2.58
C VAL A 126 -13.52 0.17 -2.18
N VAL A 127 -14.61 0.36 -1.41
CA VAL A 127 -14.88 1.76 -0.95
C VAL A 127 -14.11 1.99 0.35
N THR A 128 -13.07 2.85 0.36
CA THR A 128 -12.29 2.95 1.51
C THR A 128 -11.58 4.33 1.44
N GLY A 129 -11.43 4.92 2.61
CA GLY A 129 -10.66 6.15 2.83
C GLY A 129 -9.31 5.87 3.44
N SER A 130 -8.97 4.59 3.56
CA SER A 130 -7.61 4.15 3.91
C SER A 130 -7.13 4.71 5.27
N HIS A 131 -6.09 5.56 5.31
CA HIS A 131 -5.52 6.07 6.56
C HIS A 131 -6.12 7.42 6.96
N ASN A 132 -7.05 7.93 6.14
CA ASN A 132 -7.52 9.34 6.27
C ASN A 132 -8.54 9.59 7.36
N PRO A 133 -8.79 10.88 7.74
CA PRO A 133 -9.79 11.17 8.79
C PRO A 133 -11.20 10.60 8.51
N PRO A 134 -12.07 10.51 9.55
CA PRO A 134 -13.38 9.85 9.47
C PRO A 134 -14.30 10.22 8.29
N ASP A 135 -14.23 11.48 7.88
CA ASP A 135 -15.13 12.06 6.88
CA ASP A 135 -15.18 11.90 6.86
C ASP A 135 -14.61 11.84 5.43
N TYR A 136 -13.44 11.21 5.30
CA TYR A 136 -12.90 10.87 3.99
C TYR A 136 -13.32 9.52 3.59
N ASN A 137 -13.46 9.37 2.31
CA ASN A 137 -13.70 8.06 1.74
C ASN A 137 -13.25 8.02 0.26
N GLY A 138 -13.46 6.91 -0.43
CA GLY A 138 -12.81 6.82 -1.74
C GLY A 138 -13.01 5.50 -2.35
N PHE A 139 -12.33 5.25 -3.48
CA PHE A 139 -12.52 3.98 -4.18
C PHE A 139 -11.19 3.49 -4.74
N LYS A 140 -10.87 2.24 -4.45
CA LYS A 140 -9.68 1.58 -4.97
C LYS A 140 -10.20 0.60 -6.01
N MET A 141 -9.67 0.64 -7.26
CA MET A 141 -10.33 -0.03 -8.39
C MET A 141 -9.42 -1.01 -9.12
N VAL A 142 -9.89 -2.24 -9.28
CA VAL A 142 -9.15 -3.22 -10.09
C VAL A 142 -10.00 -3.57 -11.28
N LEU A 143 -9.48 -3.32 -12.48
CA LEU A 143 -10.27 -3.59 -13.70
C LEU A 143 -9.62 -4.75 -14.50
N ARG A 144 -10.27 -5.91 -14.50
CA ARG A 144 -9.72 -7.13 -15.16
C ARG A 144 -8.26 -7.42 -14.70
N GLY A 145 -8.02 -7.42 -13.38
CA GLY A 145 -6.72 -7.74 -12.84
C GLY A 145 -5.76 -6.57 -12.77
N ALA A 146 -6.07 -5.46 -13.44
CA ALA A 146 -5.17 -4.29 -13.43
C ALA A 146 -5.60 -3.20 -12.45
N ALA A 147 -4.64 -2.69 -11.67
CA ALA A 147 -4.90 -1.60 -10.77
C ALA A 147 -4.74 -0.32 -11.61
N ILE A 148 -5.88 0.24 -12.00
CA ILE A 148 -5.93 1.29 -12.99
C ILE A 148 -5.44 2.58 -12.40
N TYR A 149 -4.79 3.39 -13.22
CA TYR A 149 -4.27 4.68 -12.73
C TYR A 149 -4.24 5.72 -13.85
N GLY A 150 -3.84 6.95 -13.49
CA GLY A 150 -3.65 8.02 -14.45
C GLY A 150 -4.83 8.20 -15.38
N ASP A 151 -4.57 8.08 -16.70
CA ASP A 151 -5.59 8.31 -17.74
C ASP A 151 -6.82 7.40 -17.66
N GLN A 152 -6.66 6.18 -17.17
CA GLN A 152 -7.82 5.27 -17.08
C GLN A 152 -8.79 5.75 -15.98
N ILE A 153 -8.26 6.39 -14.94
CA ILE A 153 -9.10 6.97 -13.90
C ILE A 153 -9.70 8.28 -14.40
N GLN A 154 -8.89 9.16 -15.02
CA GLN A 154 -9.48 10.35 -15.67
C GLN A 154 -10.59 10.01 -16.70
N GLY A 155 -10.44 8.89 -17.36
CA GLY A 155 -11.50 8.40 -18.25
C GLY A 155 -12.83 8.05 -17.61
N LEU A 156 -12.84 7.70 -16.30
CA LEU A 156 -14.12 7.53 -15.60
C LEU A 156 -14.81 8.89 -15.38
N TYR A 157 -14.05 9.87 -14.96
CA TYR A 157 -14.55 11.24 -14.77
C TYR A 157 -15.12 11.73 -16.09
N LYS A 158 -14.36 11.56 -17.19
CA LYS A 158 -14.85 11.95 -18.55
C LYS A 158 -16.18 11.25 -19.00
N ARG A 159 -16.33 9.95 -18.76
CA ARG A 159 -17.65 9.28 -18.99
C ARG A 159 -18.79 9.96 -18.22
N ILE A 160 -18.50 10.41 -16.99
CA ILE A 160 -19.52 11.06 -16.15
C ILE A 160 -19.93 12.44 -16.67
N VAL A 161 -18.95 13.30 -16.92
CA VAL A 161 -19.14 14.62 -17.59
CA VAL A 161 -19.31 14.60 -17.49
C VAL A 161 -19.92 14.46 -18.88
N ASP A 162 -19.55 13.42 -19.65
CA ASP A 162 -20.13 13.16 -20.96
C ASP A 162 -21.40 12.35 -20.90
N ALA A 163 -21.81 11.86 -19.73
CA ALA A 163 -22.93 10.87 -19.64
C ALA A 163 -22.79 9.73 -20.69
N ARG A 164 -21.57 9.28 -20.88
CA ARG A 164 -21.30 8.21 -21.85
C ARG A 164 -21.25 6.89 -21.10
N PHE A 165 -22.40 6.22 -21.06
CA PHE A 165 -22.57 5.03 -20.22
C PHE A 165 -23.20 3.89 -20.99
N GLU A 166 -22.84 2.66 -20.61
CA GLU A 166 -23.61 1.50 -20.97
C GLU A 166 -24.85 1.41 -20.07
N THR A 167 -25.80 0.57 -20.50
CA THR A 167 -27.10 0.41 -19.86
C THR A 167 -27.42 -1.09 -19.74
N GLY A 168 -27.94 -1.50 -18.59
CA GLY A 168 -28.43 -2.86 -18.45
C GLY A 168 -29.04 -2.95 -17.06
N SER A 169 -29.12 -4.17 -16.58
CA SER A 169 -29.79 -4.46 -15.36
C SER A 169 -29.03 -5.62 -14.67
N GLY A 170 -27.89 -5.34 -14.06
CA GLY A 170 -27.11 -6.43 -13.47
C GLY A 170 -27.73 -6.99 -12.19
N SER A 171 -27.36 -8.21 -11.86
CA SER A 171 -27.85 -8.83 -10.62
C SER A 171 -27.00 -8.39 -9.40
N TYR A 172 -27.42 -8.80 -8.20
CA TYR A 172 -26.69 -8.44 -6.96
C TYR A 172 -26.71 -9.65 -6.09
N GLU A 173 -25.58 -9.94 -5.45
CA GLU A 173 -25.51 -11.08 -4.53
C GLU A 173 -24.52 -10.72 -3.46
N GLN A 174 -24.82 -11.08 -2.22
CA GLN A 174 -23.85 -10.97 -1.11
C GLN A 174 -23.10 -12.27 -0.88
N TYR A 175 -21.79 -12.17 -0.67
CA TYR A 175 -20.96 -13.34 -0.55
C TYR A 175 -19.89 -13.12 0.50
N ASP A 176 -19.79 -14.04 1.46
CA ASP A 176 -18.75 -13.88 2.46
C ASP A 176 -17.54 -14.73 2.04
N VAL A 177 -16.45 -14.04 1.76
CA VAL A 177 -15.19 -14.64 1.27
C VAL A 177 -14.12 -14.80 2.42
N ALA A 178 -14.49 -14.46 3.65
CA ALA A 178 -13.53 -14.51 4.77
C ALA A 178 -12.98 -15.91 5.07
N ASP A 179 -13.85 -16.90 5.09
CA ASP A 179 -13.43 -18.26 5.40
C ASP A 179 -12.46 -18.75 4.32
N GLN A 180 -12.78 -18.54 3.04
CA GLN A 180 -11.83 -18.94 1.96
C GLN A 180 -10.48 -18.23 2.17
N TYR A 181 -10.54 -16.97 2.48
CA TYR A 181 -9.28 -16.21 2.68
C TYR A 181 -8.41 -16.78 3.83
N VAL A 182 -9.00 -16.88 5.01
CA VAL A 182 -8.28 -17.39 6.16
C VAL A 182 -7.75 -18.79 5.89
N GLU A 183 -8.59 -19.66 5.34
CA GLU A 183 -8.18 -21.04 5.09
C GLU A 183 -7.10 -21.12 4.05
N ARG A 184 -7.09 -20.11 3.16
CA ARG A 184 -6.09 -20.16 2.09
C ARG A 184 -4.74 -19.81 2.71
N ILE A 185 -4.68 -18.84 3.61
CA ILE A 185 -3.43 -18.48 4.25
C ILE A 185 -2.90 -19.56 5.27
N VAL A 186 -3.81 -20.00 6.12
CA VAL A 186 -3.55 -21.02 7.17
C VAL A 186 -3.06 -22.35 6.59
N GLY A 187 -3.66 -22.81 5.49
CA GLY A 187 -3.26 -24.05 4.82
C GLY A 187 -1.88 -23.95 4.18
N ASP A 188 -1.31 -22.74 3.98
CA ASP A 188 0.06 -22.64 3.40
C ASP A 188 1.11 -22.16 4.39
N ILE A 189 0.69 -21.63 5.52
CA ILE A 189 1.65 -21.13 6.51
C ILE A 189 1.44 -21.82 7.85
N LYS A 190 2.48 -22.48 8.33
CA LYS A 190 2.42 -23.25 9.57
C LYS A 190 3.56 -22.72 10.44
N LEU A 191 3.25 -21.92 11.47
CA LEU A 191 4.34 -21.35 12.31
C LEU A 191 5.14 -22.40 13.11
N THR A 192 6.45 -22.23 13.13
CA THR A 192 7.39 -23.05 13.92
C THR A 192 7.00 -23.13 15.38
N ARG A 193 6.51 -22.02 15.93
CA ARG A 193 6.13 -21.89 17.30
C ARG A 193 5.09 -20.76 17.36
N PRO A 194 4.24 -20.75 18.40
CA PRO A 194 3.39 -19.55 18.60
C PRO A 194 4.23 -18.36 19.00
N LEU A 195 3.76 -17.19 18.62
CA LEU A 195 4.44 -15.97 18.95
C LEU A 195 3.35 -15.04 19.53
N LYS A 196 3.64 -14.37 20.62
CA LYS A 196 2.67 -13.47 21.22
C LYS A 196 2.84 -12.09 20.63
N LEU A 197 1.76 -11.55 20.08
CA LEU A 197 1.78 -10.28 19.30
C LEU A 197 0.88 -9.21 19.89
N VAL A 198 1.29 -7.95 19.73
CA VAL A 198 0.44 -6.81 19.95
C VAL A 198 -0.11 -6.48 18.56
N VAL A 199 -1.44 -6.47 18.40
CA VAL A 199 -2.06 -6.08 17.09
C VAL A 199 -2.91 -4.80 17.32
N ASP A 200 -2.53 -3.73 16.66
CA ASP A 200 -3.19 -2.41 16.68
C ASP A 200 -3.81 -2.09 15.32
N ALA A 201 -5.15 -2.04 15.26
CA ALA A 201 -5.87 -1.79 14.02
C ALA A 201 -6.40 -0.32 13.98
N GLY A 202 -6.19 0.49 15.04
CA GLY A 202 -6.69 1.88 15.02
C GLY A 202 -8.20 1.98 14.78
N ASN A 203 -8.97 0.96 15.16
CA ASN A 203 -10.44 0.92 14.97
C ASN A 203 -10.87 0.80 13.50
N GLY A 204 -9.92 0.43 12.62
CA GLY A 204 -10.14 0.33 11.20
C GLY A 204 -10.61 -1.06 10.86
N VAL A 205 -10.82 -1.33 9.58
CA VAL A 205 -11.40 -2.58 9.17
C VAL A 205 -10.44 -3.77 9.33
N ALA A 206 -9.14 -3.53 9.57
CA ALA A 206 -8.16 -4.64 9.69
C ALA A 206 -8.45 -5.48 10.96
N GLY A 207 -9.03 -4.87 12.01
CA GLY A 207 -9.01 -5.54 13.32
C GLY A 207 -9.66 -6.93 13.45
N PRO A 208 -10.97 -7.05 13.09
CA PRO A 208 -11.60 -8.35 13.19
C PRO A 208 -10.91 -9.49 12.42
N LEU A 209 -10.69 -9.34 11.12
CA LEU A 209 -10.09 -10.41 10.38
C LEU A 209 -8.59 -10.59 10.69
N ALA A 210 -7.84 -9.54 10.92
CA ALA A 210 -6.42 -9.79 11.29
C ALA A 210 -6.30 -10.59 12.60
N THR A 211 -7.15 -10.29 13.59
CA THR A 211 -7.09 -11.04 14.86
C THR A 211 -7.50 -12.48 14.65
N ARG A 212 -8.58 -12.67 13.86
CA ARG A 212 -9.01 -14.00 13.45
C ARG A 212 -7.86 -14.79 12.80
N LEU A 213 -7.20 -14.16 11.83
CA LEU A 213 -6.08 -14.80 11.08
C LEU A 213 -4.94 -15.21 12.00
N PHE A 214 -4.41 -14.27 12.80
CA PHE A 214 -3.25 -14.58 13.61
C PHE A 214 -3.60 -15.57 14.75
N LYS A 215 -4.85 -15.54 15.24
CA LYS A 215 -5.28 -16.63 16.15
C LYS A 215 -5.30 -17.98 15.46
N ALA A 216 -5.81 -18.00 14.23
CA ALA A 216 -5.83 -19.19 13.41
C ALA A 216 -4.40 -19.73 13.14
N LEU A 217 -3.41 -18.84 13.08
CA LEU A 217 -2.01 -19.30 12.93
C LEU A 217 -1.43 -19.80 14.29
N GLY A 218 -2.16 -19.59 15.37
CA GLY A 218 -1.75 -20.13 16.68
C GLY A 218 -1.18 -19.07 17.60
N CYS A 219 -1.28 -17.79 17.24
CA CYS A 219 -0.69 -16.76 18.09
C CYS A 219 -1.66 -16.24 19.13
N GLU A 220 -1.08 -15.93 20.28
CA GLU A 220 -1.77 -15.17 21.32
C GLU A 220 -1.61 -13.68 21.04
N LEU A 221 -2.68 -12.93 21.27
CA LEU A 221 -2.72 -11.53 20.83
C LEU A 221 -2.96 -10.60 21.99
N VAL A 222 -2.28 -9.47 22.01
CA VAL A 222 -2.70 -8.39 22.87
C VAL A 222 -3.30 -7.37 21.89
N GLU A 223 -4.62 -7.20 21.93
CA GLU A 223 -5.29 -6.36 20.97
C GLU A 223 -5.39 -4.86 21.36
N LEU A 224 -5.17 -4.00 20.38
CA LEU A 224 -5.36 -2.57 20.56
C LEU A 224 -6.30 -2.06 19.48
N PHE A 225 -7.45 -1.52 19.89
CA PHE A 225 -8.39 -0.84 18.96
C PHE A 225 -8.77 -1.73 17.76
N THR A 226 -9.14 -2.98 18.06
CA THR A 226 -9.45 -3.94 17.01
C THR A 226 -10.95 -4.03 16.71
N ASP A 227 -11.77 -3.33 17.50
CA ASP A 227 -13.18 -3.19 17.22
C ASP A 227 -13.29 -2.07 16.23
N ILE A 228 -14.27 -2.22 15.35
CA ILE A 228 -14.59 -1.23 14.33
C ILE A 228 -15.18 0.03 14.91
N ASP A 229 -14.57 1.18 14.61
CA ASP A 229 -15.24 2.38 15.00
C ASP A 229 -14.82 3.47 14.02
N GLY A 230 -15.68 3.79 13.07
CA GLY A 230 -15.31 4.73 12.01
C GLY A 230 -15.17 6.17 12.47
N ASN A 231 -15.46 6.48 13.74
CA ASN A 231 -15.12 7.79 14.34
C ASN A 231 -13.61 7.87 14.68
N PHE A 232 -12.90 6.76 14.60
CA PHE A 232 -11.46 6.72 15.03
C PHE A 232 -11.18 7.53 16.29
N PRO A 233 -11.76 7.10 17.45
CA PRO A 233 -11.74 7.94 18.62
C PRO A 233 -10.41 7.79 19.40
N ASN A 234 -9.54 6.87 18.96
CA ASN A 234 -8.25 6.64 19.68
C ASN A 234 -7.03 7.21 19.02
N HIS A 235 -6.61 6.65 17.91
CA HIS A 235 -5.56 7.31 17.05
C HIS A 235 -6.00 6.88 15.68
N HIS A 236 -5.76 7.70 14.67
CA HIS A 236 -6.01 7.27 13.27
C HIS A 236 -5.21 6.03 12.90
N PRO A 237 -5.79 5.15 12.08
CA PRO A 237 -5.06 3.96 11.70
C PRO A 237 -4.07 4.33 10.56
N ASP A 238 -2.94 4.90 10.98
CA ASP A 238 -2.02 5.54 10.07
C ASP A 238 -0.60 5.33 10.62
N PRO A 239 -0.06 4.11 10.46
CA PRO A 239 1.21 3.71 10.99
C PRO A 239 2.39 4.45 10.35
N ALA A 240 2.15 5.19 9.26
CA ALA A 240 3.13 6.06 8.65
C ALA A 240 3.55 7.22 9.57
N HIS A 241 2.70 7.59 10.55
CA HIS A 241 3.14 8.56 11.57
C HIS A 241 3.53 7.85 12.86
N PRO A 242 4.81 7.97 13.29
CA PRO A 242 5.27 7.26 14.51
C PRO A 242 4.44 7.53 15.80
N GLU A 243 3.82 8.71 15.90
CA GLU A 243 2.88 8.98 17.01
C GLU A 243 1.71 7.99 17.09
N ASN A 244 1.37 7.35 15.97
CA ASN A 244 0.29 6.33 15.98
C ASN A 244 0.77 4.93 16.35
N LEU A 245 2.05 4.84 16.67
CA LEU A 245 2.65 3.59 17.12
C LEU A 245 2.97 3.61 18.61
N GLN A 246 2.69 4.73 19.30
CA GLN A 246 3.05 4.93 20.73
CA GLN A 246 3.12 4.86 20.69
C GLN A 246 2.39 3.88 21.61
N ASP A 247 1.15 3.49 21.27
CA ASP A 247 0.38 2.50 22.04
C ASP A 247 0.96 1.11 21.89
N VAL A 248 1.34 0.73 20.66
CA VAL A 248 1.94 -0.57 20.43
C VAL A 248 3.30 -0.63 21.22
N ILE A 249 4.07 0.47 21.24
CA ILE A 249 5.39 0.48 21.87
C ILE A 249 5.20 0.30 23.39
N ALA A 250 4.22 1.04 23.95
CA ALA A 250 3.94 0.97 25.38
C ALA A 250 3.45 -0.41 25.75
N LYS A 251 2.61 -1.03 24.93
CA LYS A 251 2.09 -2.34 25.19
C LYS A 251 3.15 -3.43 25.17
N LEU A 252 4.11 -3.33 24.23
CA LEU A 252 5.25 -4.19 24.20
C LEU A 252 6.15 -4.02 25.49
N LYS A 253 6.22 -2.81 26.07
CA LYS A 253 6.97 -2.65 27.35
C LYS A 253 6.22 -3.29 28.49
N ALA A 254 4.88 -3.28 28.44
CA ALA A 254 4.10 -3.61 29.62
C ALA A 254 3.53 -5.03 29.65
N THR A 255 3.78 -5.83 28.61
CA THR A 255 3.27 -7.20 28.52
C THR A 255 4.43 -8.14 28.09
N ASP A 256 4.22 -9.45 28.05
CA ASP A 256 5.24 -10.35 27.51
C ASP A 256 5.09 -10.65 25.99
N ALA A 257 4.36 -9.82 25.26
CA ALA A 257 4.26 -9.99 23.84
C ALA A 257 5.66 -9.77 23.29
N GLU A 258 5.93 -10.34 22.12
CA GLU A 258 7.31 -10.29 21.54
C GLU A 258 7.46 -9.26 20.41
N ILE A 259 6.38 -9.05 19.64
CA ILE A 259 6.41 -8.28 18.41
C ILE A 259 5.12 -7.47 18.29
N GLY A 260 5.18 -6.24 17.75
CA GLY A 260 3.98 -5.41 17.55
C GLY A 260 3.63 -5.21 16.09
N PHE A 261 2.36 -5.45 15.71
CA PHE A 261 1.91 -5.17 14.31
C PHE A 261 0.86 -4.06 14.36
N ALA A 262 0.97 -3.06 13.49
CA ALA A 262 -0.05 -1.99 13.40
C ALA A 262 -0.53 -1.85 11.94
N PHE A 263 -1.86 -1.81 11.71
CA PHE A 263 -2.39 -1.83 10.36
C PHE A 263 -2.88 -0.46 10.05
N ASP A 264 -2.84 -0.10 8.78
CA ASP A 264 -3.50 1.12 8.38
C ASP A 264 -5.01 0.82 8.22
N GLY A 265 -5.81 1.85 7.91
CA GLY A 265 -7.28 1.68 8.09
C GLY A 265 -7.95 0.67 7.19
N ASP A 266 -7.33 0.31 6.03
CA ASP A 266 -7.99 -0.74 5.25
C ASP A 266 -7.15 -2.05 5.14
N GLY A 267 -6.04 -2.12 5.83
CA GLY A 267 -5.29 -3.40 5.95
C GLY A 267 -4.33 -3.66 4.74
N ASP A 268 -4.08 -2.70 3.86
CA ASP A 268 -3.10 -3.01 2.78
C ASP A 268 -1.67 -2.52 3.18
N ARG A 269 -1.50 -2.09 4.44
CA ARG A 269 -0.18 -1.74 4.93
C ARG A 269 0.03 -2.25 6.36
N LEU A 270 1.23 -2.77 6.61
CA LEU A 270 1.63 -3.26 7.95
C LEU A 270 2.83 -2.46 8.48
N GLY A 271 2.68 -1.96 9.72
CA GLY A 271 3.78 -1.41 10.54
C GLY A 271 4.27 -2.45 11.54
N VAL A 272 5.59 -2.50 11.79
CA VAL A 272 6.24 -3.55 12.59
C VAL A 272 7.14 -2.86 13.58
N VAL A 273 6.93 -3.20 14.85
CA VAL A 273 7.67 -2.64 16.00
C VAL A 273 8.31 -3.81 16.79
N THR A 274 9.58 -3.66 17.14
CA THR A 274 10.22 -4.63 18.00
C THR A 274 9.86 -4.45 19.49
N LYS A 275 10.26 -5.46 20.28
CA LYS A 275 10.04 -5.54 21.70
C LYS A 275 10.61 -4.29 22.37
N ASP A 276 11.84 -3.94 21.98
CA ASP A 276 12.49 -2.74 22.47
C ASP A 276 12.08 -1.43 21.77
N GLY A 277 10.94 -1.44 21.04
CA GLY A 277 10.38 -0.17 20.58
C GLY A 277 10.92 0.41 19.27
N GLN A 278 11.62 -0.41 18.50
CA GLN A 278 12.19 0.03 17.23
C GLN A 278 11.20 -0.19 16.11
N ILE A 279 10.91 0.86 15.34
CA ILE A 279 10.10 0.69 14.14
C ILE A 279 10.97 0.05 13.02
N ILE A 280 10.52 -1.03 12.38
CA ILE A 280 11.28 -1.64 11.25
C ILE A 280 10.66 -1.17 9.93
N TYR A 281 11.33 -0.22 9.27
CA TYR A 281 10.79 0.38 8.05
C TYR A 281 10.64 -0.64 6.95
N PRO A 282 9.70 -0.41 6.01
CA PRO A 282 9.46 -1.52 5.07
C PRO A 282 10.65 -1.80 4.15
N ASP A 283 11.59 -0.88 3.91
CA ASP A 283 12.71 -1.33 3.10
C ASP A 283 13.52 -2.42 3.85
N ARG A 284 13.57 -2.36 5.21
CA ARG A 284 14.28 -3.43 5.98
C ARG A 284 13.50 -4.72 6.01
N GLN A 285 12.20 -4.60 6.21
CA GLN A 285 11.31 -5.76 6.07
C GLN A 285 11.52 -6.52 4.74
N LEU A 286 11.55 -5.79 3.64
CA LEU A 286 11.74 -6.39 2.31
C LEU A 286 13.06 -7.15 2.21
N MET A 287 14.14 -6.66 2.86
CA MET A 287 15.38 -7.47 2.88
C MET A 287 15.13 -8.86 3.48
N LEU A 288 14.30 -8.94 4.52
CA LEU A 288 14.16 -10.18 5.24
C LEU A 288 13.30 -11.14 4.39
N PHE A 289 12.28 -10.55 3.76
CA PHE A 289 11.45 -11.35 2.85
C PHE A 289 12.25 -11.84 1.59
N ALA A 290 13.04 -10.94 1.02
CA ALA A 290 13.80 -11.24 -0.20
C ALA A 290 14.74 -12.38 0.13
N GLU A 291 15.37 -12.35 1.30
CA GLU A 291 16.27 -13.43 1.62
C GLU A 291 15.53 -14.76 1.59
N GLU A 292 14.41 -14.85 2.27
CA GLU A 292 13.67 -16.12 2.31
C GLU A 292 13.13 -16.51 0.90
N VAL A 293 12.55 -15.54 0.16
CA VAL A 293 12.03 -15.81 -1.19
C VAL A 293 13.14 -16.27 -2.12
N LEU A 294 14.27 -15.56 -2.11
CA LEU A 294 15.36 -15.91 -3.00
C LEU A 294 15.98 -17.29 -2.71
N SER A 295 15.90 -17.72 -1.46
CA SER A 295 16.37 -19.02 -1.07
C SER A 295 15.59 -20.07 -1.83
N ARG A 296 14.34 -19.82 -2.23
CA ARG A 296 13.54 -20.76 -3.06
C ARG A 296 13.43 -20.37 -4.56
N ASN A 297 13.95 -19.20 -4.93
CA ASN A 297 13.81 -18.70 -6.28
C ASN A 297 15.15 -18.08 -6.70
N PRO A 298 16.20 -18.89 -6.90
CA PRO A 298 17.55 -18.35 -7.18
C PRO A 298 17.54 -17.54 -8.45
N GLY A 299 18.16 -16.35 -8.43
CA GLY A 299 18.23 -15.51 -9.61
C GLY A 299 17.08 -14.50 -9.78
N ALA A 300 15.97 -14.67 -9.02
CA ALA A 300 14.73 -13.85 -9.21
C ALA A 300 14.97 -12.33 -9.03
N GLN A 301 14.15 -11.54 -9.71
CA GLN A 301 14.18 -10.06 -9.49
C GLN A 301 13.44 -9.72 -8.22
N ILE A 302 13.88 -8.69 -7.50
CA ILE A 302 13.12 -8.18 -6.34
C ILE A 302 12.93 -6.71 -6.62
N ILE A 303 11.69 -6.29 -6.68
CA ILE A 303 11.35 -4.89 -7.05
C ILE A 303 11.17 -4.00 -5.81
N TYR A 304 11.75 -2.80 -5.82
CA TYR A 304 11.44 -1.86 -4.78
C TYR A 304 11.52 -0.45 -5.40
N ASP A 305 11.16 0.59 -4.64
CA ASP A 305 11.03 1.91 -5.25
C ASP A 305 12.25 2.79 -4.89
N VAL A 306 12.42 3.90 -5.58
CA VAL A 306 13.52 4.81 -5.33
C VAL A 306 13.63 5.48 -3.95
N LYS A 307 12.64 5.34 -3.10
CA LYS A 307 12.79 5.79 -1.69
C LYS A 307 13.53 4.81 -0.76
N CYS A 308 13.85 3.58 -1.23
CA CYS A 308 14.31 2.50 -0.35
C CYS A 308 15.81 2.65 -0.06
N THR A 309 16.28 2.08 1.05
CA THR A 309 17.72 2.10 1.42
C THR A 309 18.68 1.69 0.28
N ARG A 310 19.81 2.40 0.20
CA ARG A 310 20.97 2.01 -0.64
C ARG A 310 21.29 0.50 -0.34
N ASN A 311 21.01 0.03 0.87
CA ASN A 311 21.41 -1.35 1.27
C ASN A 311 20.71 -2.49 0.54
N LEU A 312 19.54 -2.21 -0.03
CA LEU A 312 18.82 -3.27 -0.70
C LEU A 312 19.52 -3.89 -1.93
N ALA A 313 20.08 -3.07 -2.80
CA ALA A 313 20.73 -3.58 -4.01
C ALA A 313 21.76 -4.67 -3.64
N ARG A 314 22.69 -4.32 -2.74
CA ARG A 314 23.77 -5.22 -2.34
C ARG A 314 23.22 -6.48 -1.63
N TRP A 315 22.28 -6.26 -0.72
CA TRP A 315 21.63 -7.35 -0.03
C TRP A 315 21.03 -8.34 -1.01
N VAL A 316 20.25 -7.82 -1.96
CA VAL A 316 19.55 -8.70 -2.90
C VAL A 316 20.58 -9.48 -3.75
N ARG A 317 21.65 -8.82 -4.17
CA ARG A 317 22.72 -9.52 -4.94
C ARG A 317 23.44 -10.56 -4.14
N GLU A 318 23.75 -10.25 -2.89
CA GLU A 318 24.46 -11.19 -2.04
C GLU A 318 23.58 -12.35 -1.70
N LYS A 319 22.26 -12.16 -1.70
CA LYS A 319 21.33 -13.23 -1.46
C LYS A 319 20.99 -13.98 -2.78
N GLY A 320 21.65 -13.66 -3.90
CA GLY A 320 21.49 -14.47 -5.15
C GLY A 320 20.34 -13.99 -6.07
N GLY A 321 19.79 -12.79 -5.83
CA GLY A 321 18.75 -12.24 -6.66
C GLY A 321 19.20 -11.05 -7.51
N GLU A 322 18.27 -10.49 -8.25
CA GLU A 322 18.57 -9.31 -9.05
CA GLU A 322 18.57 -9.31 -9.04
C GLU A 322 17.69 -8.14 -8.59
N PRO A 323 18.31 -7.08 -8.03
CA PRO A 323 17.48 -5.94 -7.50
C PRO A 323 16.91 -5.14 -8.67
N LEU A 324 15.68 -4.65 -8.54
CA LEU A 324 15.08 -3.84 -9.62
C LEU A 324 14.47 -2.64 -8.96
N MET A 325 15.20 -1.55 -9.04
CA MET A 325 14.71 -0.33 -8.47
C MET A 325 13.72 0.31 -9.40
N TRP A 326 12.56 0.68 -8.86
CA TRP A 326 11.50 1.22 -9.74
C TRP A 326 10.90 2.53 -9.25
N LYS A 327 9.82 2.94 -9.90
CA LYS A 327 9.13 4.16 -9.49
C LYS A 327 8.35 3.90 -8.19
N THR A 328 8.18 4.97 -7.39
CA THR A 328 7.26 4.96 -6.25
C THR A 328 5.84 5.12 -6.76
N GLY A 329 4.93 4.43 -6.09
CA GLY A 329 3.50 4.41 -6.42
C GLY A 329 3.12 2.96 -6.40
N HIS A 330 2.14 2.59 -5.58
CA HIS A 330 1.77 1.19 -5.42
CA HIS A 330 1.70 1.19 -5.42
C HIS A 330 1.29 0.57 -6.72
N SER A 331 0.61 1.36 -7.55
CA SER A 331 0.00 0.79 -8.78
C SER A 331 1.08 0.63 -9.82
N LEU A 332 2.09 1.52 -9.81
CA LEU A 332 3.24 1.39 -10.72
C LEU A 332 4.09 0.18 -10.38
N VAL A 333 4.29 -0.12 -9.09
CA VAL A 333 5.01 -1.30 -8.64
C VAL A 333 4.25 -2.57 -9.04
N LYS A 334 2.94 -2.56 -8.84
CA LYS A 334 2.11 -3.66 -9.29
C LYS A 334 2.21 -3.91 -10.80
N ALA A 335 2.13 -2.84 -11.61
CA ALA A 335 2.25 -3.01 -13.06
C ALA A 335 3.60 -3.65 -13.38
N LYS A 336 4.68 -3.17 -12.71
CA LYS A 336 6.02 -3.69 -12.97
C LYS A 336 6.15 -5.18 -12.57
N LEU A 337 5.58 -5.53 -11.44
CA LEU A 337 5.46 -6.94 -11.05
C LEU A 337 4.77 -7.81 -12.13
N ARG A 338 3.70 -7.31 -12.73
CA ARG A 338 2.99 -8.05 -13.76
C ARG A 338 3.81 -8.10 -15.08
N GLU A 339 4.59 -7.08 -15.34
CA GLU A 339 5.45 -7.05 -16.54
C GLU A 339 6.64 -8.00 -16.47
N THR A 340 7.16 -8.24 -15.26
CA THR A 340 8.44 -8.93 -15.06
C THR A 340 8.21 -10.36 -14.57
N GLY A 341 7.05 -10.61 -13.95
CA GLY A 341 6.79 -11.89 -13.28
C GLY A 341 7.63 -12.09 -12.01
N ALA A 342 8.18 -11.01 -11.45
CA ALA A 342 8.97 -11.14 -10.22
C ALA A 342 8.23 -11.75 -9.02
N PRO A 343 8.94 -12.44 -8.12
CA PRO A 343 8.21 -13.08 -7.02
C PRO A 343 7.81 -12.10 -5.88
N LEU A 344 8.43 -10.91 -5.78
CA LEU A 344 8.24 -10.05 -4.59
C LEU A 344 8.58 -8.58 -4.95
N ALA A 345 7.79 -7.62 -4.44
CA ALA A 345 8.13 -6.13 -4.51
C ALA A 345 7.75 -5.50 -3.18
N GLY A 346 8.34 -4.35 -2.85
CA GLY A 346 7.87 -3.64 -1.68
C GLY A 346 8.22 -2.18 -1.90
N GLU A 347 7.48 -1.27 -1.24
CA GLU A 347 7.81 0.14 -1.30
C GLU A 347 7.99 0.70 0.08
N MET A 348 8.75 1.78 0.16
CA MET A 348 9.04 2.41 1.44
C MET A 348 7.74 2.67 2.26
N SER A 349 6.73 3.24 1.60
CA SER A 349 5.36 3.44 2.20
C SER A 349 4.71 2.22 2.87
N GLY A 350 5.25 1.02 2.69
CA GLY A 350 4.80 -0.14 3.45
C GLY A 350 3.80 -1.07 2.74
N HIS A 351 3.67 -0.95 1.42
CA HIS A 351 2.89 -1.97 0.72
C HIS A 351 3.87 -3.01 0.29
N VAL A 352 3.54 -4.29 0.51
CA VAL A 352 4.46 -5.37 0.19
C VAL A 352 3.68 -6.36 -0.66
N PHE A 353 4.26 -6.74 -1.80
CA PHE A 353 3.50 -7.51 -2.78
C PHE A 353 4.16 -8.87 -2.93
N PHE A 354 3.51 -9.95 -2.45
CA PHE A 354 3.98 -11.34 -2.67
C PHE A 354 3.26 -11.92 -3.88
N LYS A 355 4.02 -12.29 -4.91
CA LYS A 355 3.51 -13.15 -5.95
C LYS A 355 3.90 -14.56 -5.58
N ASP A 356 5.15 -14.76 -5.14
CA ASP A 356 5.55 -16.12 -4.59
C ASP A 356 4.53 -16.65 -3.59
N ARG A 357 3.91 -17.82 -3.89
CA ARG A 357 2.96 -18.52 -2.99
C ARG A 357 1.68 -17.73 -2.75
N TRP A 358 1.48 -16.72 -3.58
CA TRP A 358 0.35 -15.81 -3.37
C TRP A 358 -0.26 -15.31 -4.67
N TYR A 359 -0.81 -14.08 -4.72
CA TYR A 359 -1.58 -13.59 -5.87
C TYR A 359 -1.00 -12.27 -6.41
N GLY A 360 -0.03 -11.72 -5.70
CA GLY A 360 0.69 -10.56 -6.25
C GLY A 360 0.08 -9.22 -5.90
N PHE A 361 -1.02 -9.18 -5.13
CA PHE A 361 -1.52 -7.89 -4.60
C PHE A 361 -0.91 -7.61 -3.23
N ASP A 362 -0.80 -6.32 -2.91
CA ASP A 362 -0.37 -5.87 -1.62
C ASP A 362 -1.43 -6.25 -0.55
N ASP A 363 -0.96 -6.72 0.59
CA ASP A 363 -1.85 -7.22 1.64
C ASP A 363 -1.06 -7.16 2.96
N GLY A 364 -1.45 -6.25 3.83
CA GLY A 364 -0.87 -6.13 5.16
C GLY A 364 -1.04 -7.35 6.06
N LEU A 365 -2.19 -8.04 5.94
CA LEU A 365 -2.48 -9.19 6.81
C LEU A 365 -1.65 -10.42 6.34
N TYR A 366 -1.60 -10.64 5.02
CA TYR A 366 -0.72 -11.64 4.48
C TYR A 366 0.74 -11.33 4.75
N THR A 367 1.16 -10.07 4.61
CA THR A 367 2.59 -9.76 4.92
C THR A 367 2.84 -10.11 6.40
N GLY A 368 1.90 -9.77 7.29
CA GLY A 368 2.05 -10.11 8.70
C GLY A 368 2.28 -11.62 8.88
N ALA A 369 1.48 -12.42 8.19
CA ALA A 369 1.60 -13.85 8.29
C ALA A 369 2.96 -14.31 7.76
N ARG A 370 3.43 -13.71 6.65
CA ARG A 370 4.67 -14.15 6.06
C ARG A 370 5.79 -13.76 7.02
N LEU A 371 5.64 -12.62 7.70
CA LEU A 371 6.70 -12.13 8.64
C LEU A 371 6.73 -13.12 9.85
N LEU A 372 5.55 -13.49 10.39
CA LEU A 372 5.51 -14.47 11.49
C LEU A 372 6.14 -15.84 11.10
N GLU A 373 5.94 -16.28 9.86
CA GLU A 373 6.53 -17.54 9.41
C GLU A 373 8.07 -17.53 9.60
N ILE A 374 8.68 -16.39 9.26
CA ILE A 374 10.12 -16.20 9.38
C ILE A 374 10.54 -15.97 10.84
N LEU A 375 9.90 -15.02 11.54
CA LEU A 375 10.21 -14.66 12.93
C LEU A 375 10.06 -15.88 13.86
N ALA A 376 9.07 -16.72 13.59
CA ALA A 376 8.86 -17.88 14.47
C ALA A 376 10.00 -18.91 14.46
N ARG A 377 10.88 -18.85 13.47
CA ARG A 377 12.07 -19.75 13.44
C ARG A 377 13.18 -19.36 14.42
N VAL A 378 13.05 -18.23 15.13
CA VAL A 378 14.16 -17.80 15.99
C VAL A 378 13.65 -17.53 17.40
N ALA A 379 14.54 -17.48 18.37
CA ALA A 379 14.06 -17.37 19.75
C ALA A 379 13.86 -15.91 20.04
N ASP A 380 14.62 -15.06 19.34
CA ASP A 380 14.51 -13.63 19.57
C ASP A 380 14.20 -12.90 18.30
N PRO A 381 12.88 -12.72 17.98
CA PRO A 381 12.56 -12.06 16.71
C PRO A 381 13.06 -10.62 16.65
N SER A 382 13.04 -9.89 17.76
CA SER A 382 13.53 -8.50 17.79
C SER A 382 15.04 -8.38 17.42
N ALA A 383 15.86 -9.33 17.88
CA ALA A 383 17.32 -9.34 17.53
C ALA A 383 17.47 -9.56 16.00
N LEU A 384 16.70 -10.50 15.44
CA LEU A 384 16.67 -10.76 13.99
C LEU A 384 16.30 -9.50 13.22
N LEU A 385 15.25 -8.80 13.64
CA LEU A 385 14.86 -7.57 12.92
C LEU A 385 15.87 -6.44 13.13
N ASN A 386 16.27 -6.19 14.37
CA ASN A 386 17.24 -5.12 14.63
C ASN A 386 18.57 -5.31 13.92
N GLY A 387 18.93 -6.54 13.66
CA GLY A 387 20.23 -6.79 13.08
C GLY A 387 20.23 -6.69 11.55
N LEU A 388 19.04 -6.50 10.92
CA LEU A 388 18.98 -6.16 9.48
C LEU A 388 19.85 -4.94 9.22
N PRO A 389 20.42 -4.83 8.00
CA PRO A 389 21.25 -3.66 7.67
C PRO A 389 20.46 -2.36 7.91
N ASN A 390 21.17 -1.30 8.26
CA ASN A 390 20.57 -0.04 8.69
C ASN A 390 21.50 1.09 8.30
N ALA A 391 21.07 2.35 8.39
CA ALA A 391 21.95 3.49 7.99
C ALA A 391 21.42 4.70 8.69
N VAL A 392 22.03 5.86 8.60
CA VAL A 392 21.35 7.02 9.21
C VAL A 392 20.50 7.64 8.12
N SER A 393 19.39 8.28 8.48
CA SER A 393 18.58 9.08 7.49
C SER A 393 17.93 10.36 8.05
N THR A 394 17.51 11.23 7.14
CA THR A 394 16.59 12.36 7.40
C THR A 394 15.12 12.00 7.22
N PRO A 395 14.19 12.75 7.86
CA PRO A 395 12.78 12.56 7.37
C PRO A 395 12.59 13.20 5.97
N GLU A 396 11.44 12.95 5.34
CA GLU A 396 11.05 13.64 4.10
C GLU A 396 10.97 15.15 4.15
N LEU A 397 11.51 15.84 3.14
CA LEU A 397 11.47 17.33 3.09
C LEU A 397 10.75 17.91 1.82
N GLN A 398 9.99 19.01 2.00
CA GLN A 398 9.10 19.65 0.97
C GLN A 398 9.73 20.89 0.38
N LEU A 399 9.69 21.05 -0.95
CA LEU A 399 10.28 22.23 -1.58
C LEU A 399 9.28 22.99 -2.46
N ASN A 406 5.72 21.35 -8.67
CA ASN A 406 6.95 20.55 -8.57
C ASN A 406 7.73 20.48 -9.91
N VAL A 407 7.74 19.30 -10.56
CA VAL A 407 8.10 19.06 -12.01
C VAL A 407 9.09 20.01 -12.73
N LYS A 408 8.85 21.32 -12.66
CA LYS A 408 9.70 22.33 -13.31
C LYS A 408 11.16 22.31 -12.80
N LEU A 409 11.36 22.32 -11.48
CA LEU A 409 12.71 22.45 -10.95
C LEU A 409 13.47 21.13 -11.05
N ILE A 410 12.70 20.03 -11.15
CA ILE A 410 13.30 18.72 -11.24
C ILE A 410 14.07 18.56 -12.55
N ASP A 411 13.55 19.15 -13.62
CA ASP A 411 14.23 19.19 -14.92
C ASP A 411 15.42 20.18 -15.02
N LYS A 412 15.29 21.34 -14.30
CA LYS A 412 16.43 22.28 -14.24
C LYS A 412 17.65 21.53 -13.64
N LEU A 413 17.33 20.71 -12.59
CA LEU A 413 18.34 19.97 -11.87
C LEU A 413 18.99 18.89 -12.72
N ARG A 414 18.17 18.17 -13.46
CA ARG A 414 18.67 17.03 -14.22
C ARG A 414 19.70 17.47 -15.27
N ALA A 415 19.45 18.61 -15.93
CA ALA A 415 20.30 19.02 -17.03
C ALA A 415 21.54 19.72 -16.50
N ASP A 416 21.38 20.50 -15.43
CA ASP A 416 22.47 21.28 -14.89
C ASP A 416 22.71 21.14 -13.38
N ALA A 417 23.27 20.01 -12.94
CA ALA A 417 23.76 19.91 -11.55
C ALA A 417 25.11 19.15 -11.43
N LYS A 418 26.17 19.89 -11.07
CA LYS A 418 27.47 19.28 -10.71
C LYS A 418 27.50 18.60 -9.31
N PHE A 419 26.79 17.48 -9.10
CA PHE A 419 26.86 16.73 -7.81
C PHE A 419 28.27 16.19 -7.54
N ASP A 420 29.04 16.94 -6.73
CA ASP A 420 30.43 16.61 -6.40
C ASP A 420 30.57 15.24 -5.73
N GLY A 421 31.07 14.27 -6.50
CA GLY A 421 31.54 13.00 -5.94
C GLY A 421 30.54 11.86 -6.02
N ALA A 422 29.45 12.06 -6.76
CA ALA A 422 28.39 11.06 -6.85
C ALA A 422 28.82 9.93 -7.79
N ASP A 423 28.30 8.71 -7.61
CA ASP A 423 28.62 7.61 -8.52
C ASP A 423 27.71 7.62 -9.77
N GLU A 424 26.40 7.81 -9.55
CA GLU A 424 25.45 8.02 -10.66
C GLU A 424 24.28 8.85 -10.20
N VAL A 425 23.65 9.52 -11.17
CA VAL A 425 22.40 10.19 -10.93
C VAL A 425 21.39 9.27 -11.59
N VAL A 426 20.53 8.69 -10.78
CA VAL A 426 19.49 7.81 -11.34
C VAL A 426 18.18 8.59 -11.64
N THR A 427 17.57 8.40 -12.83
CA THR A 427 16.43 9.24 -13.30
C THR A 427 15.14 8.46 -13.60
N ILE A 428 14.92 7.30 -13.01
CA ILE A 428 13.63 6.60 -13.35
C ILE A 428 12.44 7.33 -12.71
N ASP A 429 12.70 8.12 -11.66
CA ASP A 429 11.63 8.75 -10.88
C ASP A 429 12.33 9.88 -10.13
N GLY A 430 12.22 11.12 -10.60
CA GLY A 430 12.98 12.25 -9.97
C GLY A 430 14.48 12.08 -10.14
N LEU A 431 15.27 12.61 -9.21
CA LEU A 431 16.70 12.49 -9.30
C LEU A 431 17.10 11.72 -8.06
N ARG A 432 17.49 10.44 -8.21
CA ARG A 432 18.11 9.72 -7.11
C ARG A 432 19.63 9.80 -7.31
N VAL A 433 20.31 10.60 -6.48
CA VAL A 433 21.70 10.69 -6.59
C VAL A 433 22.43 9.72 -5.63
N GLU A 434 23.28 8.88 -6.21
CA GLU A 434 23.90 7.82 -5.44
C GLU A 434 25.37 8.15 -5.19
N TYR A 435 25.76 8.16 -3.91
CA TYR A 435 27.16 8.43 -3.54
C TYR A 435 27.78 7.17 -3.00
N PRO A 436 29.12 7.15 -2.85
CA PRO A 436 29.73 5.95 -2.28
C PRO A 436 29.23 5.65 -0.84
N ASP A 437 28.73 6.67 -0.15
CA ASP A 437 28.36 6.52 1.25
C ASP A 437 26.93 6.95 1.56
N GLY A 438 26.03 6.88 0.57
CA GLY A 438 24.63 7.23 0.78
C GLY A 438 23.93 7.70 -0.47
N PHE A 439 22.74 8.30 -0.32
CA PHE A 439 21.99 8.77 -1.49
C PHE A 439 21.09 9.91 -1.12
N GLY A 440 20.83 10.76 -2.11
CA GLY A 440 19.84 11.88 -2.03
C GLY A 440 18.76 11.64 -3.09
N LEU A 441 17.51 11.94 -2.75
CA LEU A 441 16.40 11.80 -3.68
C LEU A 441 15.61 13.10 -3.67
N ALA A 442 15.41 13.68 -4.86
CA ALA A 442 14.44 14.76 -5.09
C ALA A 442 13.50 14.30 -6.18
N ARG A 443 12.20 14.35 -5.92
CA ARG A 443 11.22 13.89 -6.93
C ARG A 443 9.93 14.68 -6.86
N SER A 444 9.02 14.46 -7.79
CA SER A 444 7.72 15.09 -7.62
C SER A 444 6.73 14.10 -7.00
N SER A 445 5.90 14.60 -6.09
CA SER A 445 4.79 13.79 -5.62
C SER A 445 3.80 13.58 -6.75
N ASN A 446 2.84 12.69 -6.52
CA ASN A 446 1.77 12.47 -7.49
C ASN A 446 0.39 12.82 -6.97
N THR A 447 0.33 13.54 -5.85
CA THR A 447 -0.87 14.29 -5.46
C THR A 447 -0.49 15.75 -5.18
N THR A 448 0.30 15.96 -4.11
CA THR A 448 0.88 17.26 -3.75
C THR A 448 1.69 17.94 -4.88
N PRO A 449 1.50 19.28 -5.08
CA PRO A 449 2.15 20.11 -6.11
C PRO A 449 3.54 20.67 -5.74
N VAL A 450 4.33 19.91 -4.98
CA VAL A 450 5.66 20.35 -4.55
C VAL A 450 6.66 19.16 -4.50
N VAL A 451 7.98 19.46 -4.55
CA VAL A 451 9.09 18.48 -4.67
C VAL A 451 9.52 17.82 -3.35
N VAL A 452 9.56 16.49 -3.32
CA VAL A 452 9.93 15.70 -2.14
C VAL A 452 11.40 15.24 -2.10
N LEU A 453 12.03 15.44 -0.94
CA LEU A 453 13.44 15.14 -0.73
C LEU A 453 13.61 14.12 0.38
N ARG A 454 14.57 13.20 0.19
CA ARG A 454 15.08 12.39 1.30
C ARG A 454 16.55 11.97 1.19
N PHE A 455 17.16 11.72 2.34
CA PHE A 455 18.60 11.54 2.42
C PHE A 455 18.88 10.33 3.28
N GLU A 456 19.90 9.55 2.91
CA GLU A 456 20.39 8.44 3.71
C GLU A 456 21.91 8.39 3.58
N ALA A 457 22.59 8.06 4.68
CA ALA A 457 24.06 7.92 4.60
C ALA A 457 24.60 6.90 5.60
N THR A 458 25.87 6.51 5.41
CA THR A 458 26.54 5.54 6.28
C THR A 458 27.17 6.16 7.53
N SER A 459 27.08 7.51 7.68
CA SER A 459 27.45 8.19 8.93
C SER A 459 26.77 9.56 9.01
N ASP A 460 26.81 10.16 10.19
CA ASP A 460 26.20 11.48 10.38
C ASP A 460 26.87 12.49 9.46
N ALA A 461 28.19 12.45 9.36
CA ALA A 461 28.90 13.47 8.59
C ALA A 461 28.61 13.32 7.09
N ALA A 462 28.53 12.09 6.64
CA ALA A 462 28.13 11.81 5.26
C ALA A 462 26.69 12.25 4.94
N LEU A 463 25.76 12.11 5.87
CA LEU A 463 24.41 12.68 5.69
C LEU A 463 24.47 14.20 5.46
N ALA A 464 25.32 14.86 6.24
CA ALA A 464 25.43 16.30 6.18
C ALA A 464 26.06 16.79 4.87
N ARG A 465 27.12 16.13 4.41
CA ARG A 465 27.79 16.53 3.18
C ARG A 465 26.82 16.36 2.01
N ILE A 466 26.00 15.32 2.06
CA ILE A 466 25.08 15.06 0.95
C ILE A 466 24.03 16.16 0.79
N GLN A 467 23.35 16.47 1.89
CA GLN A 467 22.52 17.67 1.94
C GLN A 467 23.22 18.96 1.48
N ASP A 468 24.36 19.28 2.07
CA ASP A 468 25.18 20.40 1.61
C ASP A 468 25.33 20.41 0.09
N ASP A 469 25.43 19.22 -0.50
CA ASP A 469 25.59 19.12 -1.92
C ASP A 469 24.26 19.44 -2.61
N PHE A 470 23.18 18.81 -2.16
CA PHE A 470 21.85 19.17 -2.65
C PHE A 470 21.51 20.63 -2.42
N ARG A 471 21.83 21.14 -1.24
CA ARG A 471 21.62 22.56 -0.89
C ARG A 471 22.13 23.46 -2.02
N ARG A 472 23.44 23.33 -2.34
CA ARG A 472 24.07 24.18 -3.34
C ARG A 472 23.50 23.96 -4.76
N ALA A 473 23.09 22.75 -5.07
CA ALA A 473 22.48 22.46 -6.38
C ALA A 473 21.10 23.16 -6.53
N LEU A 474 20.27 23.06 -5.49
CA LEU A 474 18.95 23.74 -5.42
C LEU A 474 19.08 25.29 -5.37
N LYS A 475 20.14 25.80 -4.73
CA LYS A 475 20.42 27.26 -4.77
C LYS A 475 20.76 27.72 -6.19
N ALA A 476 21.45 26.89 -6.98
CA ALA A 476 21.75 27.18 -8.38
C ALA A 476 20.51 27.04 -9.25
N ALA A 477 19.79 25.93 -9.14
CA ALA A 477 18.60 25.67 -9.95
C ALA A 477 17.45 26.69 -9.75
N LYS A 478 16.94 26.82 -8.52
CA LYS A 478 15.92 27.81 -8.21
C LYS A 478 16.56 28.80 -7.26
N PRO A 479 17.34 29.74 -7.81
CA PRO A 479 18.04 30.69 -6.94
C PRO A 479 17.06 31.69 -6.35
N GLY A 480 17.13 31.88 -5.03
CA GLY A 480 16.17 32.72 -4.31
C GLY A 480 15.11 31.99 -3.51
N ALA A 481 14.86 30.70 -3.76
CA ALA A 481 13.82 29.97 -3.03
C ALA A 481 14.26 29.60 -1.60
N ASN A 482 13.31 29.56 -0.65
CA ASN A 482 13.63 29.07 0.69
C ASN A 482 13.50 27.53 0.76
N LEU A 483 14.64 26.86 0.98
CA LEU A 483 14.72 25.40 1.08
C LEU A 483 14.23 24.90 2.47
N PRO A 484 13.88 23.59 2.60
CA PRO A 484 13.48 23.08 3.91
C PRO A 484 14.63 22.42 4.69
N PHE A 485 15.82 22.36 4.12
CA PHE A 485 17.00 21.89 4.85
C PHE A 485 18.19 22.85 4.75
P PO4 B . -4.16 4.39 1.84
O2 PO4 B . -3.37 3.10 2.02
O3 PO4 B . -3.31 5.57 2.23
O4 PO4 B . -4.85 4.49 0.52
C1 EDO C . -20.16 0.30 9.59
O1 EDO C . -19.09 -0.68 9.61
C2 EDO C . -19.70 1.72 9.96
O2 EDO C . -18.58 1.55 10.84
C1 EDO D . -28.01 -3.28 -4.20
O1 EDO D . -27.71 -2.81 -5.56
C2 EDO D . -26.95 -2.78 -3.16
O2 EDO D . -27.28 -1.40 -2.91
C1 EDO E . -8.33 -19.15 -12.37
O1 EDO E . -9.50 -18.35 -12.19
C2 EDO E . -7.31 -18.27 -13.06
O2 EDO E . -7.00 -17.13 -12.25
C1 EDO F . -2.07 5.13 -18.20
O1 EDO F . -3.28 4.39 -17.96
C2 EDO F . -2.05 6.25 -17.17
O2 EDO F . -2.08 7.57 -17.76
C1 EDO G . 15.37 5.01 2.87
O1 EDO G . 15.45 4.17 4.03
C2 EDO G . 15.61 6.47 3.26
O2 EDO G . 14.49 6.83 4.06
C1 EDO H . 4.94 0.11 -14.16
O1 EDO H . 5.46 -0.42 -15.42
C2 EDO H . 5.43 1.51 -13.83
O2 EDO H . 5.21 2.41 -14.95
C1 GOL I . 2.92 2.13 6.73
O1 GOL I . 3.29 3.35 6.07
C2 GOL I . 4.00 1.61 7.70
O2 GOL I . 4.25 0.21 7.42
C3 GOL I . 5.34 2.38 7.67
O3 GOL I . 6.24 1.94 8.72
C1 GOL J . 19.87 -11.65 9.23
O1 GOL J . 18.88 -12.26 8.36
C2 GOL J . 19.45 -10.26 9.75
O2 GOL J . 19.38 -10.08 11.23
C3 GOL J . 20.34 -9.17 9.09
O3 GOL J . 21.58 -9.61 8.49
ZN ZN K . -4.26 1.35 3.03
#